data_1H7F
#
_entry.id   1H7F
#
_cell.length_a   46.020
_cell.length_b   133.360
_cell.length_c   48.400
_cell.angle_alpha   90.00
_cell.angle_beta   102.37
_cell.angle_gamma   90.00
#
_symmetry.space_group_name_H-M   'P 1 21 1'
#
loop_
_entity.id
_entity.type
_entity.pdbx_description
1 polymer '3-DEOXY-MANNO-OCTULOSONATE CYTIDYLYLTRANSFERASE'
2 non-polymer "CYTIDINE-5'-MONOPHOSPHATE"
3 water water
#
_entity_poly.entity_id   1
_entity_poly.type   'polypeptide(L)'
_entity_poly.pdbx_seq_one_letter_code
;SKAVIVIPARYGSSRLPGKPLLDIVGKPMIQHVYERALQVAGVAEVWVATDDPRVEQAVQAFGGKAIMTRNDHESGTDRL
VEVMHKVEADIYINLQGDEPMIRPRDVETLLQGMRDDPALPVATLCHAISAAEAAEPSTVKVVVNTRQDALYFSRSPIPY
PRNAEKARYLKHVGIYAYRRDVLQNYSQLPESMPEQAESLEQLRLMNAGINIRTFEVAATGPGVDTPACLEKVRALMAQE
LAENA
;
_entity_poly.pdbx_strand_id   A,B
#
loop_
_chem_comp.id
_chem_comp.type
_chem_comp.name
_chem_comp.formula
C5P non-polymer CYTIDINE-5'-MONOPHOSPHATE 'C9 H14 N3 O8 P'
#
# COMPACT_ATOMS: atom_id res chain seq x y z
N SER A 1 2.52 15.99 27.55
CA SER A 1 2.49 16.03 26.05
C SER A 1 1.72 17.25 25.57
N LYS A 2 2.43 18.20 24.97
CA LYS A 2 1.81 19.42 24.48
C LYS A 2 1.45 19.29 23.00
N ALA A 3 0.21 19.64 22.68
CA ALA A 3 -0.27 19.56 21.32
C ALA A 3 -0.82 20.89 20.85
N VAL A 4 -0.47 21.28 19.63
CA VAL A 4 -0.98 22.53 19.07
C VAL A 4 -1.59 22.24 17.70
N ILE A 5 -2.56 23.05 17.30
CA ILE A 5 -3.20 22.90 16.01
C ILE A 5 -2.68 24.03 15.14
N VAL A 6 -2.28 23.70 13.92
CA VAL A 6 -1.77 24.71 12.98
C VAL A 6 -2.70 24.64 11.77
N ILE A 7 -3.18 25.80 11.33
CA ILE A 7 -4.09 25.90 10.19
C ILE A 7 -3.44 26.68 9.07
N PRO A 8 -2.93 25.99 8.03
CA PRO A 8 -2.29 26.66 6.89
C PRO A 8 -3.39 27.41 6.13
N ALA A 9 -3.12 28.64 5.73
CA ALA A 9 -4.14 29.40 5.02
C ALA A 9 -3.57 30.41 4.06
N ARG A 10 -3.29 29.96 2.85
CA ARG A 10 -2.76 30.83 1.81
C ARG A 10 -3.91 31.40 0.99
N TYR A 11 -3.87 32.72 0.77
CA TYR A 11 -4.87 33.46 0.02
C TYR A 11 -5.01 32.94 -1.40
N GLY A 12 -3.89 32.99 -2.14
CA GLY A 12 -3.84 32.56 -3.53
C GLY A 12 -4.46 31.22 -3.86
N SER A 13 -5.48 31.27 -4.72
CA SER A 13 -6.19 30.08 -5.17
C SER A 13 -6.76 30.41 -6.55
N SER A 14 -6.58 29.50 -7.50
CA SER A 14 -7.03 29.69 -8.88
C SER A 14 -8.53 29.88 -9.07
N ARG A 15 -9.31 28.87 -8.67
CA ARG A 15 -10.77 28.92 -8.81
C ARG A 15 -11.52 29.49 -7.60
N LEU A 16 -10.78 30.14 -6.70
CA LEU A 16 -11.33 30.76 -5.50
C LEU A 16 -10.31 31.69 -4.81
N PRO A 17 -10.01 32.86 -5.43
CA PRO A 17 -9.05 33.80 -4.84
C PRO A 17 -9.54 34.31 -3.50
N GLY A 18 -8.67 34.27 -2.50
CA GLY A 18 -9.03 34.71 -1.17
C GLY A 18 -10.03 33.74 -0.59
N LYS A 19 -9.74 32.46 -0.76
CA LYS A 19 -10.60 31.39 -0.28
C LYS A 19 -10.90 31.41 1.21
N PRO A 20 -9.88 31.59 2.06
CA PRO A 20 -10.14 31.61 3.50
C PRO A 20 -10.93 32.83 4.00
N LEU A 21 -11.06 33.84 3.14
CA LEU A 21 -11.78 35.07 3.51
C LEU A 21 -13.25 35.11 3.07
N LEU A 22 -13.67 34.10 2.31
CA LEU A 22 -15.06 34.02 1.84
C LEU A 22 -16.01 33.97 3.02
N ASP A 23 -17.11 34.71 2.89
CA ASP A 23 -18.10 34.76 3.95
C ASP A 23 -18.99 33.53 4.03
N ILE A 24 -19.18 33.04 5.23
CA ILE A 24 -20.05 31.90 5.49
C ILE A 24 -20.81 32.31 6.74
N VAL A 25 -22.11 32.58 6.58
CA VAL A 25 -22.99 33.02 7.66
C VAL A 25 -22.41 34.14 8.52
N GLY A 26 -21.85 35.15 7.86
CA GLY A 26 -21.30 36.29 8.58
C GLY A 26 -19.83 36.30 9.00
N LYS A 27 -19.13 35.17 8.89
CA LYS A 27 -17.72 35.10 9.28
C LYS A 27 -16.85 34.57 8.15
N PRO A 28 -15.58 34.99 8.09
CA PRO A 28 -14.68 34.50 7.04
C PRO A 28 -14.53 33.00 7.26
N MET A 29 -14.29 32.25 6.19
CA MET A 29 -14.13 30.81 6.31
C MET A 29 -13.10 30.42 7.36
N ILE A 30 -11.95 31.08 7.31
CA ILE A 30 -10.85 30.81 8.23
C ILE A 30 -11.29 30.93 9.71
N GLN A 31 -12.25 31.82 10.00
CA GLN A 31 -12.73 32.00 11.37
C GLN A 31 -13.49 30.77 11.87
N HIS A 32 -14.31 30.19 10.99
CA HIS A 32 -15.10 29.00 11.34
C HIS A 32 -14.16 27.85 11.69
N VAL A 33 -13.07 27.72 10.93
CA VAL A 33 -12.11 26.66 11.20
C VAL A 33 -11.44 26.90 12.55
N TYR A 34 -11.04 28.16 12.78
CA TYR A 34 -10.38 28.56 14.02
C TYR A 34 -11.29 28.34 15.22
N GLU A 35 -12.55 28.76 15.09
CA GLU A 35 -13.50 28.59 16.18
C GLU A 35 -13.72 27.13 16.54
N ARG A 36 -13.76 26.26 15.54
CA ARG A 36 -13.94 24.84 15.79
C ARG A 36 -12.67 24.22 16.37
N ALA A 37 -11.52 24.68 15.91
CA ALA A 37 -10.24 24.18 16.41
C ALA A 37 -10.15 24.45 17.91
N LEU A 38 -10.61 25.63 18.33
CA LEU A 38 -10.62 26.01 19.75
C LEU A 38 -11.45 25.10 20.63
N GLN A 39 -12.38 24.37 20.03
CA GLN A 39 -13.25 23.47 20.79
C GLN A 39 -12.65 22.09 21.00
N VAL A 40 -11.47 21.85 20.45
CA VAL A 40 -10.81 20.56 20.59
C VAL A 40 -10.10 20.45 21.93
N ALA A 41 -10.58 19.54 22.77
CA ALA A 41 -10.00 19.34 24.09
C ALA A 41 -8.56 18.84 24.01
N GLY A 42 -7.72 19.26 24.95
CA GLY A 42 -6.34 18.80 24.97
C GLY A 42 -5.34 19.59 24.13
N VAL A 43 -5.80 20.61 23.44
CA VAL A 43 -4.93 21.44 22.60
C VAL A 43 -4.56 22.71 23.36
N ALA A 44 -3.27 23.02 23.37
CA ALA A 44 -2.75 24.20 24.07
C ALA A 44 -2.95 25.48 23.31
N GLU A 45 -2.60 25.47 22.02
CA GLU A 45 -2.72 26.66 21.20
C GLU A 45 -3.19 26.33 19.80
N VAL A 46 -3.77 27.32 19.13
CA VAL A 46 -4.22 27.18 17.77
C VAL A 46 -3.59 28.32 17.01
N TRP A 47 -2.95 28.01 15.89
CA TRP A 47 -2.29 29.02 15.08
C TRP A 47 -2.71 28.91 13.63
N VAL A 48 -2.57 30.01 12.90
CA VAL A 48 -2.90 30.06 11.49
C VAL A 48 -1.58 30.43 10.82
N ALA A 49 -1.12 29.59 9.90
CA ALA A 49 0.13 29.82 9.18
C ALA A 49 -0.24 30.35 7.82
N THR A 50 0.27 31.53 7.47
CA THR A 50 -0.06 32.12 6.19
C THR A 50 1.12 32.79 5.53
N ASP A 51 0.97 33.10 4.24
CA ASP A 51 2.03 33.76 3.49
C ASP A 51 1.53 35.10 2.93
N ASP A 52 0.30 35.47 3.31
CA ASP A 52 -0.30 36.70 2.83
C ASP A 52 -0.75 37.59 3.98
N PRO A 53 -0.38 38.89 3.94
CA PRO A 53 -0.74 39.88 4.95
C PRO A 53 -2.23 40.06 5.19
N ARG A 54 -3.02 40.00 4.12
CA ARG A 54 -4.47 40.15 4.21
C ARG A 54 -5.08 39.05 5.07
N VAL A 55 -4.52 37.85 4.97
CA VAL A 55 -5.01 36.72 5.77
C VAL A 55 -4.59 36.91 7.22
N GLU A 56 -3.35 37.37 7.41
CA GLU A 56 -2.81 37.63 8.75
C GLU A 56 -3.67 38.67 9.45
N GLN A 57 -4.01 39.72 8.72
CA GLN A 57 -4.84 40.79 9.26
C GLN A 57 -6.22 40.30 9.62
N ALA A 58 -6.84 39.55 8.72
CA ALA A 58 -8.18 39.01 8.94
C ALA A 58 -8.22 38.13 10.18
N VAL A 59 -7.13 37.40 10.41
CA VAL A 59 -7.05 36.51 11.56
C VAL A 59 -6.91 37.30 12.87
N GLN A 60 -6.03 38.30 12.87
CA GLN A 60 -5.82 39.13 14.04
C GLN A 60 -7.08 39.91 14.37
N ALA A 61 -7.79 40.34 13.33
CA ALA A 61 -9.03 41.09 13.46
C ALA A 61 -10.06 40.37 14.34
N PHE A 62 -10.03 39.04 14.38
CA PHE A 62 -10.96 38.34 15.26
C PHE A 62 -10.25 37.81 16.49
N GLY A 63 -8.99 38.23 16.62
CA GLY A 63 -8.19 37.85 17.78
C GLY A 63 -7.48 36.52 17.70
N GLY A 64 -7.30 36.02 16.49
CA GLY A 64 -6.63 34.75 16.34
C GLY A 64 -5.13 34.92 16.18
N LYS A 65 -4.38 33.85 16.48
CA LYS A 65 -2.94 33.87 16.36
C LYS A 65 -2.52 33.53 14.94
N ALA A 66 -1.75 34.43 14.33
CA ALA A 66 -1.26 34.25 12.97
C ALA A 66 0.27 34.30 12.95
N ILE A 67 0.87 33.49 12.09
CA ILE A 67 2.32 33.46 11.95
C ILE A 67 2.66 33.45 10.46
N MET A 68 3.40 34.47 10.04
CA MET A 68 3.80 34.57 8.65
C MET A 68 4.83 33.52 8.31
N THR A 69 4.68 32.92 7.13
CA THR A 69 5.59 31.89 6.67
C THR A 69 6.03 32.27 5.26
N ARG A 70 7.03 31.56 4.74
CA ARG A 70 7.53 31.85 3.40
C ARG A 70 6.51 31.51 2.32
N ASN A 71 6.51 32.31 1.25
CA ASN A 71 5.59 32.11 0.14
C ASN A 71 6.18 31.13 -0.87
N ASP A 72 7.49 30.87 -0.74
CA ASP A 72 8.20 29.94 -1.64
C ASP A 72 7.93 28.49 -1.26
N HIS A 73 7.07 28.28 -0.27
CA HIS A 73 6.70 26.94 0.18
C HIS A 73 5.86 26.23 -0.87
N GLU A 74 6.29 25.02 -1.21
CA GLU A 74 5.61 24.21 -2.20
C GLU A 74 4.44 23.44 -1.61
N SER A 75 4.56 23.06 -0.34
CA SER A 75 3.54 22.29 0.33
C SER A 75 3.16 22.74 1.72
N GLY A 76 1.98 22.32 2.15
CA GLY A 76 1.48 22.67 3.47
C GLY A 76 2.21 21.94 4.57
N THR A 77 3.06 20.97 4.22
CA THR A 77 3.82 20.24 5.22
C THR A 77 5.14 20.96 5.43
N ASP A 78 5.66 21.57 4.36
CA ASP A 78 6.90 22.32 4.45
C ASP A 78 6.63 23.56 5.29
N ARG A 79 5.47 24.18 5.07
CA ARG A 79 5.04 25.36 5.79
C ARG A 79 4.92 25.04 7.28
N LEU A 80 4.48 23.83 7.60
CA LEU A 80 4.34 23.39 8.99
C LEU A 80 5.71 23.17 9.64
N VAL A 81 6.72 22.81 8.86
CA VAL A 81 8.08 22.59 9.38
C VAL A 81 8.64 23.93 9.86
N GLU A 82 8.41 24.99 9.09
CA GLU A 82 8.86 26.32 9.45
C GLU A 82 8.18 26.78 10.75
N VAL A 83 6.89 26.45 10.92
CA VAL A 83 6.16 26.83 12.11
C VAL A 83 6.67 26.06 13.32
N MET A 84 7.02 24.79 13.11
CA MET A 84 7.52 23.92 14.16
C MET A 84 8.76 24.48 14.88
N HIS A 85 9.62 25.16 14.14
CA HIS A 85 10.85 25.72 14.73
C HIS A 85 10.56 26.87 15.70
N LYS A 86 9.50 27.62 15.41
CA LYS A 86 9.10 28.75 16.24
C LYS A 86 8.09 28.40 17.32
N VAL A 87 7.14 27.51 17.02
CA VAL A 87 6.11 27.09 17.98
C VAL A 87 6.44 25.71 18.52
N GLU A 88 6.68 25.64 19.83
CA GLU A 88 7.02 24.38 20.47
C GLU A 88 5.81 23.53 20.87
N ALA A 89 5.90 22.24 20.56
CA ALA A 89 4.87 21.27 20.88
C ALA A 89 5.44 19.88 20.67
N ASP A 90 4.82 18.88 21.28
CA ASP A 90 5.23 17.50 21.11
C ASP A 90 4.46 16.90 19.93
N ILE A 91 3.24 17.38 19.73
CA ILE A 91 2.36 16.91 18.64
C ILE A 91 1.75 18.09 17.88
N TYR A 92 1.91 18.10 16.57
CA TYR A 92 1.34 19.16 15.73
C TYR A 92 0.21 18.59 14.90
N ILE A 93 -0.94 19.25 14.91
CA ILE A 93 -2.07 18.79 14.12
C ILE A 93 -2.25 19.80 12.99
N ASN A 94 -2.33 19.29 11.77
CA ASN A 94 -2.49 20.14 10.60
C ASN A 94 -3.94 20.07 10.13
N LEU A 95 -4.65 21.18 10.20
CA LEU A 95 -6.04 21.26 9.75
C LEU A 95 -6.11 22.05 8.47
N GLN A 96 -7.01 21.67 7.59
CA GLN A 96 -7.16 22.38 6.32
C GLN A 96 -7.93 23.66 6.52
N GLY A 97 -7.42 24.75 5.98
CA GLY A 97 -8.07 26.04 6.14
C GLY A 97 -9.34 26.19 5.34
N ASP A 98 -9.66 25.20 4.50
CA ASP A 98 -10.86 25.25 3.67
C ASP A 98 -11.94 24.22 4.00
N GLU A 99 -11.89 23.68 5.21
CA GLU A 99 -12.90 22.71 5.63
C GLU A 99 -13.58 23.20 6.90
N PRO A 100 -14.44 24.21 6.76
CA PRO A 100 -15.18 24.83 7.87
C PRO A 100 -16.13 23.92 8.63
N MET A 101 -16.46 22.78 8.06
CA MET A 101 -17.39 21.87 8.73
C MET A 101 -16.74 20.76 9.53
N ILE A 102 -15.45 20.94 9.80
CA ILE A 102 -14.68 19.99 10.59
C ILE A 102 -15.36 19.75 11.94
N ARG A 103 -15.40 18.50 12.40
CA ARG A 103 -15.99 18.18 13.68
C ARG A 103 -14.89 18.06 14.73
N PRO A 104 -14.98 18.84 15.81
CA PRO A 104 -13.99 18.82 16.90
C PRO A 104 -13.73 17.43 17.45
N ARG A 105 -14.76 16.60 17.49
CA ARG A 105 -14.62 15.25 18.01
C ARG A 105 -13.67 14.38 17.17
N ASP A 106 -13.63 14.63 15.86
CA ASP A 106 -12.77 13.89 14.97
C ASP A 106 -11.30 14.20 15.23
N VAL A 107 -11.02 15.46 15.54
CA VAL A 107 -9.64 15.87 15.85
C VAL A 107 -9.22 15.26 17.19
N GLU A 108 -10.19 15.10 18.10
CA GLU A 108 -9.91 14.52 19.40
C GLU A 108 -9.58 13.04 19.27
N THR A 109 -10.27 12.36 18.36
CA THR A 109 -10.04 10.94 18.09
C THR A 109 -8.60 10.78 17.64
N LEU A 110 -8.21 11.65 16.72
CA LEU A 110 -6.87 11.67 16.15
C LEU A 110 -5.83 11.93 17.23
N LEU A 111 -6.10 12.88 18.11
CA LEU A 111 -5.19 13.24 19.18
C LEU A 111 -5.06 12.13 20.21
N GLN A 112 -6.19 11.49 20.54
CA GLN A 112 -6.21 10.40 21.50
C GLN A 112 -5.38 9.22 20.97
N GLY A 113 -5.43 9.02 19.66
CA GLY A 113 -4.67 7.93 19.06
C GLY A 113 -3.18 8.14 19.24
N MET A 114 -2.74 9.38 19.01
CA MET A 114 -1.33 9.74 19.15
C MET A 114 -0.86 9.57 20.59
N ARG A 115 -1.72 9.92 21.54
CA ARG A 115 -1.37 9.79 22.95
C ARG A 115 -1.42 8.37 23.49
N ASP A 116 -2.29 7.54 22.91
CA ASP A 116 -2.41 6.15 23.34
C ASP A 116 -1.25 5.28 22.85
N ASP A 117 -0.49 5.80 21.89
CA ASP A 117 0.65 5.09 21.34
C ASP A 117 1.77 6.09 21.10
N PRO A 118 2.72 6.18 22.05
CA PRO A 118 3.89 7.07 22.03
C PRO A 118 4.82 6.82 20.85
N ALA A 119 4.79 5.60 20.32
CA ALA A 119 5.64 5.22 19.19
C ALA A 119 5.09 5.63 17.82
N LEU A 120 3.82 6.01 17.76
CA LEU A 120 3.19 6.41 16.51
C LEU A 120 3.69 7.77 16.04
N PRO A 121 4.28 7.82 14.83
CA PRO A 121 4.81 9.07 14.26
C PRO A 121 3.78 9.98 13.63
N VAL A 122 2.87 9.40 12.85
CA VAL A 122 1.85 10.15 12.13
C VAL A 122 0.51 9.46 12.21
N ALA A 123 -0.56 10.23 12.22
CA ALA A 123 -1.91 9.69 12.28
C ALA A 123 -2.75 10.54 11.34
N THR A 124 -3.78 9.96 10.75
CA THR A 124 -4.64 10.70 9.83
C THR A 124 -6.02 10.10 9.89
N LEU A 125 -6.94 10.64 9.10
CA LEU A 125 -8.33 10.16 9.14
C LEU A 125 -8.83 9.60 7.83
N CYS A 126 -9.92 8.84 7.91
CA CYS A 126 -10.56 8.25 6.72
C CYS A 126 -11.99 7.89 7.05
N HIS A 127 -12.83 7.77 6.01
CA HIS A 127 -14.22 7.36 6.21
C HIS A 127 -14.69 6.50 5.04
N ALA A 128 -15.63 5.60 5.31
CA ALA A 128 -16.17 4.71 4.30
C ALA A 128 -16.86 5.45 3.16
N ILE A 129 -16.57 5.02 1.93
CA ILE A 129 -17.21 5.59 0.74
C ILE A 129 -17.70 4.46 -0.16
N SER A 130 -18.57 4.78 -1.11
CA SER A 130 -19.11 3.79 -2.03
C SER A 130 -18.12 3.55 -3.17
N ALA A 131 -18.32 2.47 -3.91
CA ALA A 131 -17.43 2.15 -5.02
C ALA A 131 -17.50 3.21 -6.09
N ALA A 132 -18.67 3.82 -6.26
CA ALA A 132 -18.87 4.87 -7.26
C ALA A 132 -18.06 6.12 -6.96
N GLU A 133 -17.98 6.46 -5.67
CA GLU A 133 -17.20 7.63 -5.25
C GLU A 133 -15.71 7.32 -5.36
N ALA A 134 -15.34 6.09 -5.03
CA ALA A 134 -13.95 5.64 -5.08
C ALA A 134 -13.38 5.68 -6.50
N ALA A 135 -14.24 5.74 -7.51
CA ALA A 135 -13.78 5.78 -8.89
C ALA A 135 -13.10 7.10 -9.27
N GLU A 136 -13.41 8.16 -8.53
CA GLU A 136 -12.84 9.48 -8.82
C GLU A 136 -11.37 9.64 -8.44
N PRO A 137 -10.55 10.08 -9.40
CA PRO A 137 -9.11 10.29 -9.16
C PRO A 137 -8.86 11.46 -8.22
N SER A 138 -9.85 12.33 -8.08
CA SER A 138 -9.77 13.49 -7.18
C SER A 138 -9.98 13.06 -5.73
N THR A 139 -10.45 11.83 -5.53
CA THR A 139 -10.65 11.29 -4.20
C THR A 139 -9.49 10.34 -3.93
N VAL A 140 -8.88 10.46 -2.75
CA VAL A 140 -7.74 9.63 -2.38
C VAL A 140 -8.22 8.44 -1.57
N LYS A 141 -7.85 7.24 -2.01
CA LYS A 141 -8.23 6.01 -1.32
C LYS A 141 -7.08 5.52 -0.47
N VAL A 142 -7.39 4.75 0.58
CA VAL A 142 -6.38 4.21 1.45
C VAL A 142 -6.79 2.82 1.86
N VAL A 143 -5.82 1.93 1.99
CA VAL A 143 -6.05 0.56 2.42
C VAL A 143 -5.23 0.40 3.67
N VAL A 144 -5.79 -0.25 4.69
CA VAL A 144 -5.10 -0.41 5.96
C VAL A 144 -5.02 -1.86 6.40
N ASN A 145 -4.10 -2.16 7.31
CA ASN A 145 -3.94 -3.52 7.83
C ASN A 145 -4.77 -3.65 9.10
N THR A 146 -4.61 -4.73 9.88
CA THR A 146 -5.39 -4.92 11.12
C THR A 146 -5.15 -3.90 12.22
N ARG A 147 -3.96 -3.29 12.24
CA ARG A 147 -3.64 -2.29 13.24
C ARG A 147 -4.07 -0.91 12.76
N GLN A 148 -4.72 -0.87 11.61
CA GLN A 148 -5.19 0.37 11.01
C GLN A 148 -4.08 1.20 10.41
N ASP A 149 -2.91 0.60 10.24
CA ASP A 149 -1.79 1.31 9.63
C ASP A 149 -2.08 1.31 8.14
N ALA A 150 -1.74 2.40 7.47
CA ALA A 150 -1.97 2.49 6.04
C ALA A 150 -0.95 1.66 5.27
N LEU A 151 -1.42 0.96 4.23
CA LEU A 151 -0.52 0.16 3.39
C LEU A 151 -0.13 1.03 2.21
N TYR A 152 -1.08 1.76 1.67
CA TYR A 152 -0.80 2.62 0.53
C TYR A 152 -1.96 3.60 0.39
N PHE A 153 -1.71 4.71 -0.32
CA PHE A 153 -2.71 5.74 -0.59
C PHE A 153 -2.66 5.90 -2.09
N SER A 154 -3.80 6.00 -2.75
CA SER A 154 -3.79 6.14 -4.20
C SER A 154 -5.04 6.78 -4.77
N ARG A 155 -4.89 7.34 -5.97
CA ARG A 155 -6.00 7.94 -6.68
C ARG A 155 -6.70 6.81 -7.48
N SER A 156 -6.00 5.67 -7.65
CA SER A 156 -6.54 4.49 -8.34
C SER A 156 -7.48 3.81 -7.35
N PRO A 157 -8.56 3.19 -7.84
CA PRO A 157 -9.43 2.54 -6.86
C PRO A 157 -8.72 1.34 -6.25
N ILE A 158 -8.50 1.39 -4.95
CA ILE A 158 -7.88 0.26 -4.26
C ILE A 158 -8.75 0.00 -3.04
N PRO A 159 -9.03 -1.28 -2.73
CA PRO A 159 -8.57 -2.47 -3.45
C PRO A 159 -9.25 -2.60 -4.82
N TYR A 160 -8.56 -3.25 -5.76
CA TYR A 160 -9.14 -3.45 -7.10
C TYR A 160 -10.39 -4.31 -6.91
N PRO A 161 -11.47 -4.00 -7.61
CA PRO A 161 -12.68 -4.80 -7.43
C PRO A 161 -12.76 -6.10 -8.28
N ARG A 162 -11.90 -7.06 -8.00
CA ARG A 162 -11.93 -8.33 -8.73
C ARG A 162 -13.25 -8.99 -8.33
N ASN A 163 -13.42 -9.21 -7.03
CA ASN A 163 -14.64 -9.76 -6.49
C ASN A 163 -15.31 -8.52 -5.91
N ALA A 164 -15.89 -7.72 -6.80
CA ALA A 164 -16.54 -6.47 -6.48
C ALA A 164 -17.40 -6.37 -5.22
N GLU A 165 -18.23 -7.39 -4.94
CA GLU A 165 -19.10 -7.35 -3.77
C GLU A 165 -18.39 -7.49 -2.43
N LYS A 166 -17.10 -7.81 -2.46
CA LYS A 166 -16.30 -7.98 -1.24
C LYS A 166 -15.47 -6.74 -0.94
N ALA A 167 -15.39 -5.82 -1.89
CA ALA A 167 -14.62 -4.59 -1.75
C ALA A 167 -15.28 -3.50 -0.90
N ARG A 168 -14.49 -2.94 0.03
CA ARG A 168 -14.93 -1.86 0.92
C ARG A 168 -13.92 -0.73 0.71
N TYR A 169 -14.42 0.47 0.45
CA TYR A 169 -13.55 1.61 0.19
C TYR A 169 -13.47 2.63 1.32
N LEU A 170 -12.28 3.19 1.51
CA LEU A 170 -12.00 4.19 2.54
C LEU A 170 -11.44 5.42 1.89
N LYS A 171 -12.07 6.56 2.15
CA LYS A 171 -11.58 7.81 1.61
C LYS A 171 -10.67 8.46 2.66
N HIS A 172 -9.58 9.04 2.20
CA HIS A 172 -8.62 9.69 3.09
C HIS A 172 -9.04 11.12 3.37
N VAL A 173 -9.11 11.47 4.67
CA VAL A 173 -9.46 12.84 5.10
C VAL A 173 -8.13 13.52 5.48
N GLY A 174 -7.73 14.48 4.67
CA GLY A 174 -6.48 15.20 4.84
C GLY A 174 -6.12 15.99 6.10
N ILE A 175 -6.38 15.40 7.26
CA ILE A 175 -6.06 16.01 8.54
C ILE A 175 -4.97 15.13 9.13
N TYR A 176 -3.86 15.75 9.53
CA TYR A 176 -2.72 14.98 10.08
C TYR A 176 -2.25 15.40 11.45
N ALA A 177 -1.68 14.44 12.17
CA ALA A 177 -1.09 14.68 13.49
C ALA A 177 0.34 14.17 13.36
N TYR A 178 1.32 15.04 13.55
CA TYR A 178 2.72 14.66 13.45
C TYR A 178 3.46 14.80 14.76
N ARG A 179 4.31 13.84 15.09
CA ARG A 179 5.14 13.92 16.28
C ARG A 179 6.19 14.97 15.90
N ARG A 180 6.79 15.63 16.89
CA ARG A 180 7.79 16.66 16.62
C ARG A 180 9.01 16.17 15.84
N ASP A 181 9.53 14.99 16.20
CA ASP A 181 10.70 14.46 15.50
C ASP A 181 10.53 14.19 14.02
N VAL A 182 9.29 13.91 13.60
CA VAL A 182 9.01 13.66 12.19
C VAL A 182 9.22 14.95 11.39
N LEU A 183 8.72 16.06 11.92
CA LEU A 183 8.86 17.35 11.25
C LEU A 183 10.30 17.85 11.25
N GLN A 184 11.08 17.45 12.25
CA GLN A 184 12.48 17.86 12.32
C GLN A 184 13.32 17.19 11.24
N ASN A 185 13.03 15.92 10.99
CA ASN A 185 13.74 15.16 9.98
C ASN A 185 13.13 15.20 8.59
N TYR A 186 11.98 15.88 8.47
CA TYR A 186 11.26 15.93 7.21
C TYR A 186 11.95 16.50 5.98
N SER A 187 12.60 17.65 6.11
CA SER A 187 13.24 18.28 4.96
C SER A 187 14.40 17.47 4.36
N GLN A 188 14.85 16.46 5.09
CA GLN A 188 15.94 15.61 4.60
C GLN A 188 15.43 14.43 3.75
N LEU A 189 14.12 14.17 3.77
CA LEU A 189 13.52 13.07 3.02
C LEU A 189 13.45 13.39 1.53
N PRO A 190 13.90 12.46 0.68
CA PRO A 190 13.82 12.75 -0.75
C PRO A 190 12.41 12.47 -1.29
N GLU A 191 12.06 13.11 -2.40
CA GLU A 191 10.76 12.88 -3.02
C GLU A 191 10.78 11.46 -3.59
N SER A 192 9.67 10.73 -3.44
CA SER A 192 9.60 9.37 -3.95
C SER A 192 8.95 9.36 -5.33
N MET A 193 9.17 8.28 -6.07
CA MET A 193 8.59 8.12 -7.39
C MET A 193 7.06 8.03 -7.29
N PRO A 194 6.53 7.25 -6.34
CA PRO A 194 5.07 7.17 -6.24
C PRO A 194 4.45 8.53 -5.88
N GLU A 195 5.15 9.30 -5.05
CA GLU A 195 4.68 10.63 -4.65
C GLU A 195 4.56 11.53 -5.86
N GLN A 196 5.60 11.54 -6.69
CA GLN A 196 5.62 12.38 -7.89
C GLN A 196 4.65 11.91 -8.96
N ALA A 197 4.47 10.59 -9.06
CA ALA A 197 3.56 10.02 -10.04
C ALA A 197 2.12 10.36 -9.68
N GLU A 198 1.75 10.03 -8.44
CA GLU A 198 0.41 10.25 -7.91
C GLU A 198 0.10 11.69 -7.50
N SER A 199 1.16 12.44 -7.15
CA SER A 199 1.04 13.82 -6.68
C SER A 199 0.33 13.83 -5.32
N LEU A 200 0.81 12.95 -4.44
CA LEU A 200 0.30 12.79 -3.08
C LEU A 200 1.50 12.89 -2.16
N GLU A 201 1.61 14.02 -1.48
CA GLU A 201 2.74 14.27 -0.60
C GLU A 201 2.93 13.26 0.53
N GLN A 202 1.86 12.67 1.02
CA GLN A 202 1.99 11.72 2.11
C GLN A 202 2.77 10.44 1.75
N LEU A 203 2.98 10.21 0.46
CA LEU A 203 3.72 9.03 0.05
C LEU A 203 5.20 9.22 0.31
N ARG A 204 5.62 10.48 0.51
CA ARG A 204 7.03 10.75 0.81
C ARG A 204 7.39 10.12 2.14
N LEU A 205 6.43 10.09 3.06
CA LEU A 205 6.66 9.51 4.37
C LEU A 205 6.73 8.00 4.30
N MET A 206 5.82 7.42 3.51
CA MET A 206 5.77 5.97 3.35
C MET A 206 7.02 5.43 2.67
N ASN A 207 7.58 6.21 1.75
CA ASN A 207 8.81 5.82 1.07
C ASN A 207 9.97 5.64 2.06
N ALA A 208 9.99 6.49 3.09
CA ALA A 208 11.02 6.47 4.12
C ALA A 208 10.73 5.50 5.26
N GLY A 209 9.65 4.76 5.14
CA GLY A 209 9.32 3.78 6.16
C GLY A 209 8.64 4.33 7.39
N ILE A 210 8.11 5.54 7.29
CA ILE A 210 7.43 6.15 8.43
C ILE A 210 5.97 5.70 8.44
N ASN A 211 5.58 5.04 9.51
CA ASN A 211 4.23 4.54 9.67
C ASN A 211 3.19 5.63 9.84
N ILE A 212 2.03 5.44 9.21
CA ILE A 212 0.94 6.39 9.30
C ILE A 212 -0.30 5.60 9.71
N ARG A 213 -0.81 5.81 10.92
CA ARG A 213 -2.02 5.10 11.34
C ARG A 213 -3.22 5.92 10.90
N THR A 214 -4.24 5.23 10.42
CA THR A 214 -5.45 5.89 9.90
C THR A 214 -6.69 5.52 10.69
N PHE A 215 -7.30 6.50 11.35
CA PHE A 215 -8.51 6.28 12.15
C PHE A 215 -9.76 6.58 11.34
N GLU A 216 -10.75 5.70 11.47
CA GLU A 216 -11.99 5.85 10.73
C GLU A 216 -13.03 6.66 11.47
N VAL A 217 -13.61 7.64 10.78
CA VAL A 217 -14.67 8.49 11.34
C VAL A 217 -15.86 8.46 10.39
N ALA A 218 -16.96 9.09 10.77
CA ALA A 218 -18.15 9.13 9.93
C ALA A 218 -17.90 10.05 8.74
N ALA A 219 -18.74 9.97 7.71
CA ALA A 219 -18.57 10.82 6.54
C ALA A 219 -18.49 12.27 6.97
N THR A 220 -17.44 12.95 6.50
CA THR A 220 -17.23 14.35 6.85
C THR A 220 -18.03 15.29 5.97
N GLY A 221 -18.29 16.48 6.48
CA GLY A 221 -19.03 17.48 5.72
C GLY A 221 -18.34 17.87 4.44
N PRO A 222 -19.05 18.48 3.48
CA PRO A 222 -18.45 18.89 2.21
C PRO A 222 -17.45 20.03 2.36
N GLY A 223 -16.29 19.86 1.73
CA GLY A 223 -15.26 20.89 1.77
C GLY A 223 -15.64 22.01 0.82
N VAL A 224 -14.76 23.00 0.68
CA VAL A 224 -15.05 24.12 -0.20
C VAL A 224 -13.97 24.29 -1.26
N ASP A 225 -14.35 24.06 -2.51
CA ASP A 225 -13.43 24.21 -3.64
C ASP A 225 -14.22 24.62 -4.87
N THR A 226 -15.51 24.29 -4.86
CA THR A 226 -16.42 24.63 -5.94
C THR A 226 -17.52 25.54 -5.41
N PRO A 227 -17.90 26.58 -6.19
CA PRO A 227 -18.94 27.52 -5.78
C PRO A 227 -20.28 26.82 -5.53
N ALA A 228 -20.38 25.60 -6.03
CA ALA A 228 -21.58 24.79 -5.85
C ALA A 228 -21.56 24.19 -4.45
N CYS A 229 -20.41 23.64 -4.05
CA CYS A 229 -20.26 23.06 -2.71
C CYS A 229 -20.23 24.16 -1.66
N LEU A 230 -19.86 25.36 -2.08
CA LEU A 230 -19.81 26.52 -1.19
C LEU A 230 -21.23 26.86 -0.74
N GLU A 231 -22.16 26.87 -1.69
CA GLU A 231 -23.56 27.16 -1.41
C GLU A 231 -24.17 26.08 -0.53
N LYS A 232 -23.69 24.84 -0.68
CA LYS A 232 -24.18 23.72 0.11
C LYS A 232 -23.70 23.87 1.55
N VAL A 233 -22.44 24.28 1.70
CA VAL A 233 -21.87 24.49 3.02
C VAL A 233 -22.60 25.64 3.71
N ARG A 234 -22.83 26.73 2.96
CA ARG A 234 -23.54 27.88 3.50
C ARG A 234 -24.91 27.51 4.07
N ALA A 235 -25.67 26.73 3.30
CA ALA A 235 -26.99 26.30 3.72
C ALA A 235 -26.90 25.28 4.85
N LEU A 236 -25.88 24.43 4.76
CA LEU A 236 -25.65 23.40 5.76
C LEU A 236 -25.21 24.02 7.09
N MET A 237 -24.45 25.10 7.00
CA MET A 237 -23.96 25.82 8.18
C MET A 237 -25.11 26.58 8.82
N ALA A 238 -25.93 27.22 7.98
CA ALA A 238 -27.10 27.97 8.42
C ALA A 238 -28.15 27.05 9.03
N GLN A 239 -28.30 25.86 8.43
CA GLN A 239 -29.24 24.86 8.90
C GLN A 239 -28.78 24.36 10.27
N GLU A 240 -27.48 24.42 10.50
CA GLU A 240 -26.88 23.98 11.75
C GLU A 240 -27.11 24.97 12.90
N LEU A 241 -27.07 26.26 12.59
CA LEU A 241 -27.29 27.31 13.59
C LEU A 241 -28.70 27.25 14.18
N ALA A 242 -29.69 27.15 13.30
CA ALA A 242 -31.09 27.09 13.68
C ALA A 242 -31.44 25.81 14.43
N GLU A 243 -30.66 24.76 14.21
CA GLU A 243 -30.86 23.46 14.86
C GLU A 243 -30.42 23.50 16.31
N ASN A 244 -29.41 24.34 16.58
CA ASN A 244 -28.87 24.49 17.93
C ASN A 244 -29.33 25.84 18.51
N ALA A 245 -30.65 25.98 18.66
CA ALA A 245 -31.24 27.21 19.18
C ALA A 245 -31.95 27.01 20.52
N SER B 1 21.89 -22.29 8.32
CA SER B 1 20.75 -21.71 7.56
C SER B 1 20.41 -22.62 6.38
N LYS B 2 19.60 -23.64 6.64
CA LYS B 2 19.18 -24.60 5.63
C LYS B 2 17.97 -24.12 4.82
N ALA B 3 18.13 -24.10 3.51
CA ALA B 3 17.09 -23.67 2.58
C ALA B 3 16.68 -24.83 1.67
N VAL B 4 15.38 -24.98 1.43
CA VAL B 4 14.86 -26.02 0.53
C VAL B 4 13.90 -25.37 -0.46
N ILE B 5 13.85 -25.92 -1.68
CA ILE B 5 12.93 -25.42 -2.71
C ILE B 5 11.78 -26.41 -2.78
N VAL B 6 10.55 -25.91 -2.78
CA VAL B 6 9.38 -26.76 -2.86
C VAL B 6 8.64 -26.32 -4.11
N ILE B 7 8.23 -27.29 -4.93
CA ILE B 7 7.51 -27.00 -6.16
C ILE B 7 6.13 -27.62 -6.11
N PRO B 8 5.08 -26.79 -5.91
CA PRO B 8 3.70 -27.29 -5.85
C PRO B 8 3.33 -27.68 -7.27
N ALA B 9 2.78 -28.88 -7.43
CA ALA B 9 2.41 -29.35 -8.75
C ALA B 9 1.20 -30.27 -8.69
N ARG B 10 0.02 -29.67 -8.55
CA ARG B 10 -1.19 -30.46 -8.52
C ARG B 10 -1.46 -30.91 -9.95
N TYR B 11 -2.12 -32.04 -10.11
CA TYR B 11 -2.42 -32.57 -11.43
C TYR B 11 -3.44 -31.71 -12.18
N GLY B 12 -4.49 -31.33 -11.47
CA GLY B 12 -5.56 -30.55 -12.06
C GLY B 12 -5.33 -29.15 -12.58
N SER B 13 -6.19 -28.76 -13.51
CA SER B 13 -6.18 -27.44 -14.15
C SER B 13 -7.41 -27.40 -15.05
N SER B 14 -8.21 -26.34 -14.94
CA SER B 14 -9.42 -26.22 -15.75
C SER B 14 -9.16 -26.10 -17.25
N ARG B 15 -8.02 -25.51 -17.61
CA ARG B 15 -7.68 -25.31 -19.01
C ARG B 15 -6.69 -26.32 -19.57
N LEU B 16 -5.90 -26.94 -18.69
CA LEU B 16 -4.89 -27.92 -19.10
C LEU B 16 -4.75 -29.04 -18.09
N PRO B 17 -5.73 -29.96 -18.03
CA PRO B 17 -5.68 -31.08 -17.08
C PRO B 17 -4.33 -31.79 -17.17
N GLY B 18 -3.79 -32.24 -16.03
CA GLY B 18 -2.50 -32.92 -16.03
C GLY B 18 -1.36 -32.01 -16.48
N LYS B 19 -1.49 -30.72 -16.17
CA LYS B 19 -0.50 -29.71 -16.56
C LYS B 19 0.98 -30.00 -16.29
N PRO B 20 1.32 -30.50 -15.10
CA PRO B 20 2.75 -30.78 -14.83
C PRO B 20 3.40 -31.85 -15.69
N LEU B 21 2.57 -32.70 -16.32
CA LEU B 21 3.09 -33.78 -17.15
C LEU B 21 3.12 -33.46 -18.63
N LEU B 22 2.69 -32.26 -19.00
CA LEU B 22 2.70 -31.88 -20.42
C LEU B 22 4.12 -31.81 -20.94
N ASP B 23 4.32 -32.40 -22.11
CA ASP B 23 5.62 -32.45 -22.73
C ASP B 23 6.08 -31.14 -23.32
N ILE B 24 7.32 -30.78 -23.03
CA ILE B 24 7.94 -29.57 -23.56
C ILE B 24 9.32 -30.01 -24.03
N VAL B 25 9.49 -30.03 -25.35
CA VAL B 25 10.72 -30.47 -26.00
C VAL B 25 11.39 -31.72 -25.43
N GLY B 26 10.59 -32.73 -25.15
CA GLY B 26 11.15 -33.98 -24.65
C GLY B 26 10.96 -34.36 -23.21
N LYS B 27 10.65 -33.40 -22.36
CA LYS B 27 10.46 -33.68 -20.93
C LYS B 27 9.19 -33.07 -20.39
N PRO B 28 8.58 -33.69 -19.38
CA PRO B 28 7.36 -33.11 -18.83
C PRO B 28 7.72 -31.75 -18.21
N MET B 29 6.79 -30.81 -18.21
CA MET B 29 7.03 -29.47 -17.67
C MET B 29 7.68 -29.47 -16.28
N ILE B 30 7.17 -30.32 -15.40
CA ILE B 30 7.70 -30.41 -14.05
C ILE B 30 9.19 -30.74 -13.99
N GLN B 31 9.68 -31.50 -14.96
CA GLN B 31 11.09 -31.86 -14.96
C GLN B 31 11.96 -30.66 -15.30
N HIS B 32 11.49 -29.79 -16.17
CA HIS B 32 12.25 -28.60 -16.53
C HIS B 32 12.42 -27.69 -15.30
N VAL B 33 11.34 -27.55 -14.52
CA VAL B 33 11.37 -26.72 -13.32
C VAL B 33 12.30 -27.34 -12.29
N TYR B 34 12.16 -28.64 -12.08
CA TYR B 34 12.98 -29.37 -11.13
C TYR B 34 14.47 -29.34 -11.47
N GLU B 35 14.82 -29.39 -12.75
CA GLU B 35 16.22 -29.36 -13.16
C GLU B 35 16.86 -28.01 -12.97
N ARG B 36 16.11 -26.95 -13.21
CA ARG B 36 16.62 -25.62 -13.03
C ARG B 36 16.76 -25.32 -11.54
N ALA B 37 15.87 -25.89 -10.73
CA ALA B 37 15.91 -25.69 -9.29
C ALA B 37 17.18 -26.32 -8.72
N LEU B 38 17.58 -27.46 -9.28
CA LEU B 38 18.79 -28.14 -8.81
C LEU B 38 20.05 -27.34 -9.11
N GLN B 39 19.94 -26.36 -10.02
CA GLN B 39 21.07 -25.51 -10.38
C GLN B 39 21.24 -24.30 -9.45
N VAL B 40 20.35 -24.15 -8.48
CA VAL B 40 20.40 -23.03 -7.53
C VAL B 40 21.37 -23.31 -6.40
N ALA B 41 22.44 -22.53 -6.33
CA ALA B 41 23.45 -22.71 -5.29
C ALA B 41 22.90 -22.31 -3.92
N GLY B 42 23.30 -23.04 -2.88
CA GLY B 42 22.87 -22.73 -1.53
C GLY B 42 21.66 -23.46 -1.00
N VAL B 43 21.07 -24.32 -1.82
CA VAL B 43 19.89 -25.08 -1.43
C VAL B 43 20.27 -26.51 -1.09
N ALA B 44 19.71 -27.03 -0.01
CA ALA B 44 20.00 -28.38 0.44
C ALA B 44 19.15 -29.47 -0.20
N GLU B 45 17.89 -29.16 -0.53
CA GLU B 45 16.96 -30.13 -1.10
C GLU B 45 15.91 -29.46 -1.99
N VAL B 46 15.44 -30.21 -3.00
CA VAL B 46 14.39 -29.75 -3.92
C VAL B 46 13.29 -30.82 -3.87
N TRP B 47 12.07 -30.39 -3.60
CA TRP B 47 10.94 -31.32 -3.53
C TRP B 47 9.80 -30.87 -4.40
N VAL B 48 9.06 -31.85 -4.90
CA VAL B 48 7.89 -31.58 -5.71
C VAL B 48 6.76 -32.02 -4.80
N ALA B 49 5.84 -31.11 -4.53
CA ALA B 49 4.70 -31.42 -3.66
C ALA B 49 3.54 -31.60 -4.62
N THR B 50 2.90 -32.75 -4.56
CA THR B 50 1.81 -33.04 -5.48
C THR B 50 0.68 -33.81 -4.82
N ASP B 51 -0.47 -33.87 -5.50
CA ASP B 51 -1.65 -34.56 -4.98
C ASP B 51 -2.00 -35.84 -5.73
N ASP B 52 -1.35 -36.05 -6.88
CA ASP B 52 -1.61 -37.19 -7.77
C ASP B 52 -0.47 -38.22 -7.89
N PRO B 53 -0.81 -39.51 -7.81
CA PRO B 53 0.17 -40.59 -7.93
C PRO B 53 0.90 -40.58 -9.27
N ARG B 54 0.23 -40.07 -10.30
CA ARG B 54 0.81 -40.01 -11.64
C ARG B 54 1.95 -39.01 -11.71
N VAL B 55 1.82 -37.91 -10.97
CA VAL B 55 2.88 -36.90 -10.96
C VAL B 55 4.03 -37.40 -10.10
N GLU B 56 3.69 -38.04 -8.99
CA GLU B 56 4.67 -38.57 -8.08
C GLU B 56 5.56 -39.58 -8.78
N GLN B 57 4.95 -40.50 -9.52
CA GLN B 57 5.71 -41.52 -10.23
C GLN B 57 6.55 -40.96 -11.36
N ALA B 58 6.04 -39.93 -12.04
CA ALA B 58 6.78 -39.33 -13.14
C ALA B 58 8.05 -38.62 -12.65
N VAL B 59 7.97 -38.05 -11.45
CA VAL B 59 9.10 -37.35 -10.85
C VAL B 59 10.15 -38.36 -10.42
N GLN B 60 9.71 -39.43 -9.78
CA GLN B 60 10.63 -40.49 -9.34
C GLN B 60 11.29 -41.17 -10.53
N ALA B 61 10.61 -41.16 -11.68
CA ALA B 61 11.14 -41.78 -12.89
C ALA B 61 12.38 -41.07 -13.38
N PHE B 62 12.44 -39.74 -13.26
CA PHE B 62 13.64 -39.05 -13.70
C PHE B 62 14.66 -38.82 -12.58
N GLY B 63 14.40 -39.39 -11.41
CA GLY B 63 15.32 -39.26 -10.30
C GLY B 63 15.06 -38.13 -9.30
N GLY B 64 13.93 -37.45 -9.44
CA GLY B 64 13.61 -36.37 -8.52
C GLY B 64 12.97 -36.86 -7.25
N LYS B 65 12.74 -35.94 -6.30
CA LYS B 65 12.12 -36.28 -5.02
C LYS B 65 10.72 -35.71 -4.99
N ALA B 66 9.76 -36.50 -4.51
CA ALA B 66 8.40 -36.01 -4.47
C ALA B 66 7.71 -36.37 -3.18
N ILE B 67 6.78 -35.53 -2.77
CA ILE B 67 6.04 -35.77 -1.56
C ILE B 67 4.55 -35.59 -1.83
N MET B 68 3.76 -36.56 -1.38
CA MET B 68 2.32 -36.54 -1.56
C MET B 68 1.70 -35.62 -0.52
N THR B 69 0.83 -34.73 -0.99
CA THR B 69 0.14 -33.79 -0.11
C THR B 69 -1.36 -33.92 -0.34
N ARG B 70 -2.15 -33.35 0.57
CA ARG B 70 -3.62 -33.40 0.47
C ARG B 70 -4.14 -32.79 -0.81
N ASN B 71 -5.27 -33.29 -1.27
CA ASN B 71 -5.88 -32.79 -2.50
C ASN B 71 -6.86 -31.66 -2.24
N ASP B 72 -7.10 -31.32 -0.97
CA ASP B 72 -8.05 -30.26 -0.65
C ASP B 72 -7.48 -28.86 -0.41
N HIS B 73 -6.19 -28.66 -0.72
CA HIS B 73 -5.57 -27.36 -0.57
C HIS B 73 -6.09 -26.41 -1.65
N GLU B 74 -6.31 -25.16 -1.29
CA GLU B 74 -6.82 -24.17 -2.23
C GLU B 74 -5.69 -23.48 -2.98
N SER B 75 -4.49 -23.49 -2.39
CA SER B 75 -3.34 -22.85 -3.01
C SER B 75 -2.04 -23.57 -2.71
N GLY B 76 -1.00 -23.21 -3.47
CA GLY B 76 0.30 -23.80 -3.29
C GLY B 76 0.89 -23.44 -1.93
N THR B 77 0.47 -22.30 -1.40
CA THR B 77 0.94 -21.81 -0.11
C THR B 77 0.49 -22.77 0.98
N ASP B 78 -0.80 -23.11 0.96
CA ASP B 78 -1.31 -24.05 1.95
C ASP B 78 -0.64 -25.39 1.79
N ARG B 79 -0.29 -25.74 0.56
CA ARG B 79 0.36 -27.01 0.28
C ARG B 79 1.76 -26.97 0.88
N LEU B 80 2.38 -25.79 0.82
CA LEU B 80 3.72 -25.58 1.36
C LEU B 80 3.72 -25.75 2.87
N VAL B 81 2.65 -25.26 3.51
CA VAL B 81 2.54 -25.38 4.96
C VAL B 81 2.50 -26.84 5.36
N GLU B 82 1.85 -27.69 4.55
CA GLU B 82 1.78 -29.11 4.87
C GLU B 82 3.15 -29.75 4.77
N VAL B 83 3.93 -29.28 3.79
CA VAL B 83 5.27 -29.78 3.55
C VAL B 83 6.27 -29.37 4.66
N MET B 84 6.12 -28.13 5.14
CA MET B 84 6.97 -27.57 6.19
C MET B 84 7.00 -28.47 7.41
N HIS B 85 5.89 -29.16 7.66
CA HIS B 85 5.79 -30.06 8.80
C HIS B 85 6.61 -31.33 8.61
N LYS B 86 6.78 -31.75 7.36
CA LYS B 86 7.52 -32.97 7.06
C LYS B 86 8.97 -32.70 6.72
N VAL B 87 9.23 -31.60 6.04
CA VAL B 87 10.57 -31.22 5.61
C VAL B 87 11.08 -30.03 6.43
N GLU B 88 12.06 -30.28 7.31
CA GLU B 88 12.61 -29.24 8.15
C GLU B 88 13.65 -28.36 7.47
N ALA B 89 13.43 -27.05 7.53
CA ALA B 89 14.34 -26.07 6.95
C ALA B 89 14.14 -24.72 7.65
N ASP B 90 15.02 -23.77 7.39
CA ASP B 90 14.89 -22.44 7.99
C ASP B 90 14.20 -21.54 6.98
N ILE B 91 14.57 -21.70 5.71
CA ILE B 91 14.00 -20.92 4.62
C ILE B 91 13.39 -21.86 3.57
N TYR B 92 12.14 -21.58 3.16
CA TYR B 92 11.45 -22.39 2.16
C TYR B 92 11.19 -21.54 0.94
N ILE B 93 11.65 -21.99 -0.23
CA ILE B 93 11.40 -21.25 -1.45
C ILE B 93 10.26 -21.97 -2.21
N ASN B 94 9.26 -21.20 -2.63
CA ASN B 94 8.11 -21.73 -3.35
C ASN B 94 8.22 -21.35 -4.81
N LEU B 95 8.42 -22.35 -5.67
CA LEU B 95 8.52 -22.12 -7.11
C LEU B 95 7.25 -22.60 -7.79
N GLN B 96 6.82 -21.89 -8.84
CA GLN B 96 5.63 -22.28 -9.58
C GLN B 96 5.95 -23.48 -10.47
N GLY B 97 5.12 -24.52 -10.37
CA GLY B 97 5.32 -25.71 -11.18
C GLY B 97 5.06 -25.51 -12.66
N ASP B 98 4.55 -24.34 -13.05
CA ASP B 98 4.23 -24.06 -14.44
C ASP B 98 5.03 -22.95 -15.08
N GLU B 99 6.23 -22.73 -14.55
CA GLU B 99 7.12 -21.71 -15.10
C GLU B 99 8.46 -22.38 -15.33
N PRO B 100 8.56 -23.16 -16.42
CA PRO B 100 9.77 -23.89 -16.78
C PRO B 100 10.92 -23.01 -17.27
N MET B 101 10.66 -21.73 -17.52
CA MET B 101 11.71 -20.84 -17.99
C MET B 101 12.38 -20.02 -16.89
N ILE B 102 12.13 -20.43 -15.64
CA ILE B 102 12.70 -19.79 -14.46
C ILE B 102 14.24 -19.76 -14.57
N ARG B 103 14.85 -18.64 -14.22
CA ARG B 103 16.32 -18.52 -14.23
C ARG B 103 16.85 -18.81 -12.84
N PRO B 104 17.78 -19.78 -12.71
CA PRO B 104 18.38 -20.13 -11.41
C PRO B 104 18.96 -18.93 -10.69
N ARG B 105 19.52 -17.99 -11.45
CA ARG B 105 20.14 -16.79 -10.90
C ARG B 105 19.13 -15.95 -10.11
N ASP B 106 17.90 -15.88 -10.60
CA ASP B 106 16.85 -15.12 -9.93
C ASP B 106 16.48 -15.72 -8.59
N VAL B 107 16.58 -17.04 -8.47
CA VAL B 107 16.25 -17.69 -7.20
C VAL B 107 17.40 -17.47 -6.21
N GLU B 108 18.61 -17.32 -6.73
CA GLU B 108 19.78 -17.08 -5.90
C GLU B 108 19.75 -15.66 -5.34
N THR B 109 19.26 -14.71 -6.14
CA THR B 109 19.12 -13.30 -5.73
C THR B 109 18.18 -13.28 -4.54
N LEU B 110 17.07 -13.98 -4.68
CA LEU B 110 16.06 -14.08 -3.64
C LEU B 110 16.59 -14.71 -2.35
N LEU B 111 17.36 -15.79 -2.50
CA LEU B 111 17.93 -16.49 -1.37
C LEU B 111 18.99 -15.64 -0.66
N GLN B 112 19.81 -14.93 -1.43
CA GLN B 112 20.86 -14.07 -0.89
C GLN B 112 20.20 -12.98 -0.04
N GLY B 113 19.11 -12.43 -0.54
CA GLY B 113 18.40 -11.39 0.18
C GLY B 113 17.95 -11.88 1.53
N MET B 114 17.43 -13.10 1.60
CA MET B 114 16.97 -13.67 2.87
C MET B 114 18.13 -13.90 3.84
N ARG B 115 19.28 -14.27 3.29
CA ARG B 115 20.44 -14.52 4.13
C ARG B 115 21.15 -13.26 4.59
N ASP B 116 21.08 -12.21 3.77
CA ASP B 116 21.70 -10.93 4.10
C ASP B 116 20.94 -10.20 5.20
N ASP B 117 19.69 -10.61 5.44
CA ASP B 117 18.87 -10.00 6.47
C ASP B 117 18.06 -11.07 7.21
N PRO B 118 18.59 -11.56 8.35
CA PRO B 118 17.95 -12.58 9.19
C PRO B 118 16.59 -12.17 9.73
N ALA B 119 16.31 -10.88 9.73
CA ALA B 119 15.03 -10.38 10.23
C ALA B 119 13.93 -10.40 9.17
N LEU B 120 14.30 -10.54 7.90
CA LEU B 120 13.33 -10.58 6.80
C LEU B 120 12.48 -11.85 6.82
N PRO B 121 11.15 -11.71 6.93
CA PRO B 121 10.26 -12.88 6.97
C PRO B 121 9.91 -13.47 5.59
N VAL B 122 9.67 -12.60 4.61
CA VAL B 122 9.27 -13.03 3.28
C VAL B 122 9.93 -12.16 2.25
N ALA B 123 10.28 -12.77 1.12
CA ALA B 123 10.90 -12.06 0.00
C ALA B 123 10.23 -12.54 -1.27
N THR B 124 10.21 -11.72 -2.30
CA THR B 124 9.59 -12.12 -3.55
C THR B 124 10.26 -11.34 -4.66
N LEU B 125 9.87 -11.56 -5.92
CA LEU B 125 10.49 -10.88 -7.04
C LEU B 125 9.56 -9.98 -7.83
N CYS B 126 10.14 -9.14 -8.69
CA CYS B 126 9.36 -8.23 -9.52
C CYS B 126 10.25 -7.76 -10.66
N HIS B 127 9.64 -7.17 -11.68
CA HIS B 127 10.42 -6.64 -12.80
C HIS B 127 9.64 -5.52 -13.45
N ALA B 128 10.37 -4.61 -14.09
CA ALA B 128 9.76 -3.48 -14.74
C ALA B 128 8.87 -3.88 -15.90
N ILE B 129 7.75 -3.17 -16.05
CA ILE B 129 6.81 -3.36 -17.15
C ILE B 129 6.37 -1.99 -17.62
N SER B 130 5.81 -1.90 -18.81
CA SER B 130 5.36 -0.62 -19.34
C SER B 130 4.03 -0.17 -18.72
N ALA B 131 3.63 1.07 -18.99
CA ALA B 131 2.37 1.60 -18.49
C ALA B 131 1.21 0.82 -19.13
N ALA B 132 1.35 0.50 -20.41
CA ALA B 132 0.34 -0.25 -21.15
C ALA B 132 0.10 -1.60 -20.50
N GLU B 133 1.17 -2.29 -20.13
CA GLU B 133 1.05 -3.60 -19.49
C GLU B 133 0.46 -3.50 -18.10
N ALA B 134 0.77 -2.41 -17.39
CA ALA B 134 0.28 -2.20 -16.03
C ALA B 134 -1.23 -2.04 -15.94
N ALA B 135 -1.83 -1.58 -17.03
CA ALA B 135 -3.27 -1.35 -17.10
C ALA B 135 -4.10 -2.64 -17.03
N GLU B 136 -3.46 -3.77 -17.33
CA GLU B 136 -4.11 -5.07 -17.33
C GLU B 136 -4.29 -5.66 -15.93
N PRO B 137 -5.54 -6.02 -15.57
CA PRO B 137 -5.94 -6.61 -14.29
C PRO B 137 -5.35 -7.98 -14.00
N SER B 138 -4.86 -8.64 -15.05
CA SER B 138 -4.26 -9.98 -14.90
C SER B 138 -2.82 -9.87 -14.44
N THR B 139 -2.23 -8.70 -14.63
CA THR B 139 -0.87 -8.42 -14.22
C THR B 139 -0.94 -7.79 -12.82
N VAL B 140 -0.24 -8.38 -11.86
CA VAL B 140 -0.22 -7.86 -10.50
C VAL B 140 0.92 -6.84 -10.33
N LYS B 141 0.56 -5.61 -9.96
CA LYS B 141 1.54 -4.53 -9.73
C LYS B 141 1.95 -4.43 -8.27
N VAL B 142 3.17 -3.97 -8.03
CA VAL B 142 3.68 -3.81 -6.69
C VAL B 142 4.39 -2.45 -6.61
N VAL B 143 4.25 -1.78 -5.47
CA VAL B 143 4.89 -0.49 -5.19
C VAL B 143 5.74 -0.72 -3.96
N VAL B 144 6.99 -0.28 -4.01
CA VAL B 144 7.92 -0.49 -2.91
C VAL B 144 8.50 0.81 -2.36
N ASN B 145 9.11 0.73 -1.17
CA ASN B 145 9.75 1.90 -0.56
C ASN B 145 11.24 1.85 -0.86
N THR B 146 12.04 2.74 -0.26
CA THR B 146 13.49 2.76 -0.52
C THR B 146 14.24 1.49 -0.11
N ARG B 147 13.74 0.78 0.88
CA ARG B 147 14.35 -0.47 1.32
C ARG B 147 13.83 -1.64 0.46
N GLN B 148 12.99 -1.32 -0.52
CA GLN B 148 12.40 -2.31 -1.42
C GLN B 148 11.31 -3.15 -0.78
N ASP B 149 10.80 -2.70 0.35
CA ASP B 149 9.71 -3.40 1.01
C ASP B 149 8.46 -3.03 0.25
N ALA B 150 7.55 -3.98 0.10
CA ALA B 150 6.33 -3.73 -0.64
C ALA B 150 5.34 -2.93 0.21
N LEU B 151 4.74 -1.92 -0.41
CA LEU B 151 3.74 -1.11 0.27
C LEU B 151 2.37 -1.75 0.03
N TYR B 152 2.14 -2.21 -1.19
CA TYR B 152 0.87 -2.83 -1.54
C TYR B 152 1.01 -3.56 -2.89
N PHE B 153 0.15 -4.56 -3.10
CA PHE B 153 0.09 -5.33 -4.34
C PHE B 153 -1.31 -5.14 -4.89
N SER B 154 -1.45 -4.81 -6.17
CA SER B 154 -2.78 -4.60 -6.70
C SER B 154 -2.93 -4.91 -8.19
N ARG B 155 -4.18 -5.10 -8.61
CA ARG B 155 -4.49 -5.33 -10.02
C ARG B 155 -4.74 -3.96 -10.63
N SER B 156 -4.97 -2.95 -9.78
CA SER B 156 -5.17 -1.58 -10.26
C SER B 156 -3.80 -1.04 -10.65
N PRO B 157 -3.75 -0.11 -11.60
CA PRO B 157 -2.44 0.41 -11.96
C PRO B 157 -1.90 1.33 -10.87
N ILE B 158 -0.99 0.83 -10.04
CA ILE B 158 -0.36 1.65 -8.99
C ILE B 158 1.12 1.74 -9.33
N PRO B 159 1.70 2.95 -9.29
CA PRO B 159 1.05 4.21 -8.92
C PRO B 159 0.19 4.84 -10.00
N TYR B 160 -0.88 5.52 -9.57
CA TYR B 160 -1.78 6.21 -10.48
C TYR B 160 -0.94 7.22 -11.26
N PRO B 161 -1.08 7.25 -12.59
CA PRO B 161 -0.32 8.18 -13.42
C PRO B 161 -0.83 9.60 -13.52
N ARG B 162 -0.88 10.33 -12.41
CA ARG B 162 -1.31 11.73 -12.44
C ARG B 162 -0.28 12.46 -13.32
N ASN B 163 0.99 12.18 -13.05
CA ASN B 163 2.10 12.74 -13.81
C ASN B 163 2.68 11.49 -14.46
N ALA B 164 2.15 11.18 -15.64
CA ALA B 164 2.53 10.00 -16.38
C ALA B 164 4.01 9.74 -16.57
N GLU B 165 4.76 10.77 -16.96
CA GLU B 165 6.20 10.61 -17.20
C GLU B 165 7.02 10.26 -15.95
N LYS B 166 6.41 10.43 -14.78
CA LYS B 166 7.08 10.14 -13.51
C LYS B 166 6.80 8.73 -13.00
N ALA B 167 5.73 8.12 -13.52
CA ALA B 167 5.34 6.78 -13.11
C ALA B 167 6.22 5.67 -13.68
N ARG B 168 6.57 4.73 -12.82
CA ARG B 168 7.38 3.58 -13.21
C ARG B 168 6.65 2.40 -12.61
N TYR B 169 6.41 1.35 -13.41
CA TYR B 169 5.68 0.18 -12.91
C TYR B 169 6.46 -1.10 -12.74
N LEU B 170 6.05 -1.90 -11.77
CA LEU B 170 6.71 -3.17 -11.46
C LEU B 170 5.67 -4.27 -11.42
N LYS B 171 6.01 -5.39 -12.05
CA LYS B 171 5.14 -6.55 -12.07
C LYS B 171 5.67 -7.53 -11.05
N HIS B 172 4.76 -8.12 -10.28
CA HIS B 172 5.12 -9.09 -9.28
C HIS B 172 5.32 -10.46 -9.92
N VAL B 173 6.43 -11.11 -9.58
CA VAL B 173 6.75 -12.44 -10.07
C VAL B 173 6.50 -13.36 -8.89
N GLY B 174 5.47 -14.21 -9.03
CA GLY B 174 5.06 -15.12 -7.98
C GLY B 174 5.97 -16.18 -7.38
N ILE B 175 7.23 -15.84 -7.11
CA ILE B 175 8.16 -16.76 -6.48
C ILE B 175 8.37 -16.20 -5.07
N TYR B 176 8.29 -17.06 -4.05
CA TYR B 176 8.44 -16.59 -2.68
C TYR B 176 9.46 -17.36 -1.87
N ALA B 177 10.03 -16.69 -0.87
CA ALA B 177 10.98 -17.30 0.07
C ALA B 177 10.37 -16.97 1.44
N TYR B 178 10.12 -17.98 2.26
CA TYR B 178 9.52 -17.79 3.56
C TYR B 178 10.40 -18.34 4.65
N ARG B 179 10.45 -17.63 5.77
CA ARG B 179 11.21 -18.09 6.95
C ARG B 179 10.26 -19.10 7.55
N ARG B 180 10.78 -20.13 8.20
CA ARG B 180 9.95 -21.15 8.81
C ARG B 180 8.87 -20.68 9.77
N ASP B 181 9.17 -19.67 10.58
CA ASP B 181 8.17 -19.21 11.55
C ASP B 181 6.93 -18.59 10.91
N VAL B 182 7.08 -18.04 9.71
CA VAL B 182 5.95 -17.43 9.02
C VAL B 182 4.97 -18.55 8.67
N LEU B 183 5.49 -19.68 8.20
CA LEU B 183 4.66 -20.83 7.83
C LEU B 183 4.03 -21.53 9.02
N GLN B 184 4.71 -21.53 10.17
CA GLN B 184 4.15 -22.15 11.36
C GLN B 184 2.94 -21.35 11.87
N ASN B 185 2.91 -20.05 11.59
CA ASN B 185 1.80 -19.19 12.03
C ASN B 185 0.79 -18.91 10.92
N TYR B 186 1.08 -19.36 9.70
CA TYR B 186 0.20 -19.10 8.57
C TYR B 186 -1.26 -19.48 8.71
N SER B 187 -1.55 -20.63 9.28
CA SER B 187 -2.93 -21.08 9.42
C SER B 187 -3.77 -20.24 10.37
N GLN B 188 -3.12 -19.42 11.21
CA GLN B 188 -3.85 -18.59 12.16
C GLN B 188 -4.22 -17.23 11.60
N LEU B 189 -3.62 -16.85 10.48
CA LEU B 189 -3.91 -15.56 9.87
C LEU B 189 -5.27 -15.57 9.20
N PRO B 190 -6.13 -14.59 9.55
CA PRO B 190 -7.46 -14.48 8.98
C PRO B 190 -7.37 -13.87 7.59
N GLU B 191 -8.35 -14.17 6.75
CA GLU B 191 -8.37 -13.63 5.41
C GLU B 191 -8.70 -12.16 5.53
N SER B 192 -8.18 -11.36 4.62
CA SER B 192 -8.41 -9.93 4.69
C SER B 192 -9.37 -9.46 3.62
N MET B 193 -9.98 -8.30 3.85
CA MET B 193 -10.91 -7.73 2.90
C MET B 193 -10.18 -7.45 1.59
N PRO B 194 -8.96 -6.86 1.66
CA PRO B 194 -8.25 -6.59 0.40
C PRO B 194 -7.88 -7.86 -0.37
N GLU B 195 -7.57 -8.92 0.38
CA GLU B 195 -7.24 -10.21 -0.24
C GLU B 195 -8.44 -10.73 -1.03
N GLN B 196 -9.60 -10.77 -0.39
CA GLN B 196 -10.81 -11.24 -1.02
C GLN B 196 -11.27 -10.40 -2.20
N ALA B 197 -11.10 -9.09 -2.12
CA ALA B 197 -11.52 -8.21 -3.20
C ALA B 197 -10.61 -8.27 -4.42
N GLU B 198 -9.30 -8.28 -4.18
CA GLU B 198 -8.31 -8.31 -5.26
C GLU B 198 -8.06 -9.71 -5.75
N SER B 199 -8.32 -10.68 -4.87
CA SER B 199 -8.09 -12.09 -5.12
C SER B 199 -6.57 -12.25 -5.24
N LEU B 200 -5.89 -11.87 -4.16
CA LEU B 200 -4.43 -11.94 -4.05
C LEU B 200 -4.10 -12.42 -2.66
N GLU B 201 -3.65 -13.66 -2.57
CA GLU B 201 -3.32 -14.31 -1.31
C GLU B 201 -2.19 -13.65 -0.52
N GLN B 202 -1.26 -12.98 -1.18
CA GLN B 202 -0.17 -12.35 -0.46
C GLN B 202 -0.58 -11.16 0.40
N LEU B 203 -1.77 -10.62 0.15
CA LEU B 203 -2.30 -9.50 0.93
C LEU B 203 -2.73 -9.98 2.32
N ARG B 204 -2.80 -11.29 2.51
CA ARG B 204 -3.16 -11.84 3.81
C ARG B 204 -1.99 -11.66 4.78
N LEU B 205 -0.78 -11.61 4.23
CA LEU B 205 0.43 -11.42 5.01
C LEU B 205 0.57 -9.95 5.40
N MET B 206 0.35 -9.07 4.44
CA MET B 206 0.45 -7.64 4.67
C MET B 206 -0.58 -7.15 5.69
N ASN B 207 -1.73 -7.80 5.70
CA ASN B 207 -2.80 -7.45 6.63
C ASN B 207 -2.38 -7.73 8.05
N ALA B 208 -1.57 -8.76 8.24
CA ALA B 208 -1.08 -9.13 9.55
C ALA B 208 0.20 -8.36 9.92
N GLY B 209 0.64 -7.49 9.03
CA GLY B 209 1.84 -6.70 9.29
C GLY B 209 3.17 -7.39 9.04
N ILE B 210 3.15 -8.46 8.26
CA ILE B 210 4.37 -9.20 7.95
C ILE B 210 5.00 -8.54 6.73
N ASN B 211 6.26 -8.15 6.87
CA ASN B 211 6.96 -7.47 5.80
C ASN B 211 7.33 -8.41 4.66
N ILE B 212 7.28 -7.87 3.44
CA ILE B 212 7.61 -8.63 2.25
C ILE B 212 8.59 -7.80 1.45
N ARG B 213 9.86 -8.21 1.36
CA ARG B 213 10.80 -7.43 0.57
C ARG B 213 10.73 -7.94 -0.86
N THR B 214 10.79 -7.01 -1.80
CA THR B 214 10.69 -7.32 -3.22
C THR B 214 11.94 -6.96 -4.01
N PHE B 215 12.64 -7.97 -4.52
CA PHE B 215 13.85 -7.78 -5.30
C PHE B 215 13.54 -7.73 -6.78
N GLU B 216 14.18 -6.81 -7.49
CA GLU B 216 13.96 -6.63 -8.91
C GLU B 216 14.91 -7.39 -9.82
N VAL B 217 14.35 -8.13 -10.76
CA VAL B 217 15.13 -8.90 -11.73
C VAL B 217 14.70 -8.47 -13.14
N ALA B 218 15.34 -9.03 -14.17
CA ALA B 218 14.99 -8.69 -15.54
C ALA B 218 13.68 -9.40 -15.91
N ALA B 219 13.02 -8.95 -16.97
CA ALA B 219 11.76 -9.55 -17.41
C ALA B 219 11.84 -11.08 -17.47
N THR B 220 10.87 -11.74 -16.86
CA THR B 220 10.80 -13.19 -16.82
C THR B 220 10.00 -13.81 -17.97
N GLY B 221 10.21 -15.11 -18.19
CA GLY B 221 9.50 -15.83 -19.23
C GLY B 221 8.07 -16.11 -18.80
N PRO B 222 7.16 -16.36 -19.76
CA PRO B 222 5.77 -16.64 -19.46
C PRO B 222 5.53 -18.01 -18.82
N GLY B 223 4.46 -18.10 -18.04
CA GLY B 223 4.10 -19.36 -17.41
C GLY B 223 3.11 -20.07 -18.30
N VAL B 224 2.82 -21.33 -17.99
CA VAL B 224 1.89 -22.12 -18.80
C VAL B 224 0.53 -22.30 -18.14
N ASP B 225 -0.41 -21.44 -18.51
CA ASP B 225 -1.76 -21.46 -17.97
C ASP B 225 -2.77 -21.90 -19.03
N THR B 226 -2.60 -21.37 -20.23
CA THR B 226 -3.48 -21.67 -21.36
C THR B 226 -2.71 -22.43 -22.44
N PRO B 227 -3.43 -23.22 -23.26
CA PRO B 227 -2.76 -23.98 -24.33
C PRO B 227 -2.01 -23.08 -25.33
N ALA B 228 -2.30 -21.78 -25.30
CA ALA B 228 -1.65 -20.82 -26.17
C ALA B 228 -0.26 -20.52 -25.63
N CYS B 229 -0.19 -20.35 -24.31
CA CYS B 229 1.08 -20.08 -23.64
C CYS B 229 1.96 -21.31 -23.73
N LEU B 230 1.33 -22.49 -23.70
CA LEU B 230 2.05 -23.75 -23.80
C LEU B 230 2.79 -23.86 -25.13
N GLU B 231 2.17 -23.43 -26.21
CA GLU B 231 2.79 -23.47 -27.53
C GLU B 231 3.90 -22.44 -27.65
N LYS B 232 3.72 -21.30 -26.98
CA LYS B 232 4.70 -20.22 -27.01
C LYS B 232 5.96 -20.67 -26.25
N VAL B 233 5.76 -21.32 -25.11
CA VAL B 233 6.87 -21.82 -24.29
C VAL B 233 7.65 -22.88 -25.06
N ARG B 234 6.92 -23.79 -25.72
CA ARG B 234 7.55 -24.86 -26.51
C ARG B 234 8.45 -24.26 -27.56
N ALA B 235 7.95 -23.22 -28.25
CA ALA B 235 8.71 -22.54 -29.29
C ALA B 235 9.95 -21.87 -28.70
N LEU B 236 9.79 -21.21 -27.56
CA LEU B 236 10.88 -20.50 -26.90
C LEU B 236 11.97 -21.42 -26.35
N MET B 237 11.58 -22.52 -25.72
CA MET B 237 12.54 -23.45 -25.16
C MET B 237 13.27 -24.27 -26.22
N ALA B 238 12.70 -24.30 -27.42
CA ALA B 238 13.30 -25.02 -28.53
C ALA B 238 14.46 -24.21 -29.09
N GLN B 239 14.22 -22.93 -29.38
CA GLN B 239 15.24 -22.04 -29.91
C GLN B 239 16.32 -21.74 -28.88
N GLU B 240 16.02 -22.04 -27.62
CA GLU B 240 16.96 -21.82 -26.52
C GLU B 240 18.02 -22.92 -26.52
N LEU B 241 17.93 -23.82 -27.51
CA LEU B 241 18.87 -24.93 -27.62
C LEU B 241 19.74 -24.84 -28.87
O3P C5P C . -3.31 -23.50 -10.41
P C5P C . -2.20 -22.72 -11.03
O1P C5P C . -2.79 -21.51 -11.70
O2P C5P C . -1.44 -23.60 -12.13
O5' C5P C . -1.17 -22.24 -9.90
C5' C5P C . 0.25 -22.13 -9.91
C4' C5P C . 0.99 -23.15 -8.99
O4' C5P C . 0.25 -23.37 -7.77
C3' C5P C . 1.19 -24.54 -9.63
O3' C5P C . 2.52 -25.00 -9.31
C2' C5P C . 0.10 -25.39 -8.95
O2' C5P C . 0.38 -26.79 -8.90
C1' C5P C . 0.04 -24.78 -7.53
N1 C5P C . -1.23 -25.08 -6.87
C2 C5P C . -1.32 -26.07 -5.94
N3 C5P C . -2.58 -26.36 -5.29
C4 C5P C . -3.65 -25.70 -5.57
C5 C5P C . -3.53 -24.63 -6.59
C6 C5P C . -2.36 -24.37 -7.19
O2 C5P C . -0.36 -26.76 -5.59
N4 C5P C . -4.80 -25.95 -4.99
#